data_5GQJ
#
_entry.id   5GQJ
#
_cell.length_a   103.060
_cell.length_b   103.060
_cell.length_c   103.060
_cell.angle_alpha   90.00
_cell.angle_beta   90.00
_cell.angle_gamma   90.00
#
_symmetry.space_group_name_H-M   'I 2 3'
#
loop_
_entity.id
_entity.type
_entity.pdbx_description
1 polymer Polyhedrin
2 non-polymer 'CHLORIDE ION'
3 non-polymer 'MAGNESIUM ION'
4 non-polymer "ADENOSINE-5'-TRIPHOSPHATE"
5 non-polymer "CYTIDINE-5'-TRIPHOSPHATE"
6 non-polymer 1,2-ETHANEDIOL
7 water water
#
_entity_poly.entity_id   1
_entity_poly.type   'polypeptide(L)'
_entity_poly.pdbx_seq_one_letter_code
;(ACE)ADVAGTSNRDFRGREQRLFNSEQYNYNNSLNGEVSVWVYAYYSDGSVLVINKNSQYKVGISETFKALKEYREGQH
NDSYDEYEVNQSIYYPNGGDARKFHSNAKPRAIQIIFSPSVNVRTIKMAKGNAVSVPDEYLQRSHPWEATGIKYRKIKRD
GEIVGYSHYFELPHEYNSISLAVSGVHKNPSSYNVGHNVMDVFQSCDLALRFCNRYWAELELVNHYISPNAYPYLDINNH
SYGVALSNRQ
;
_entity_poly.pdbx_strand_id   A
#
loop_
_chem_comp.id
_chem_comp.type
_chem_comp.name
_chem_comp.formula
ACE non-polymer 'ACETYL GROUP' 'C2 H4 O'
ATP non-polymer ADENOSINE-5'-TRIPHOSPHATE 'C10 H16 N5 O13 P3'
CL non-polymer 'CHLORIDE ION' 'Cl -1'
CTP non-polymer CYTIDINE-5'-TRIPHOSPHATE 'C9 H16 N3 O14 P3'
EDO non-polymer 1,2-ETHANEDIOL 'C2 H6 O2'
MG non-polymer 'MAGNESIUM ION' 'Mg 2'
#
# COMPACT_ATOMS: atom_id res chain seq x y z
C ACE A 1 -47.65 8.15 -12.48
O ACE A 1 -47.73 7.32 -13.40
CH3 ACE A 1 -48.81 9.06 -12.03
N ALA A 2 -46.49 8.34 -11.85
CA ALA A 2 -45.31 7.49 -12.11
C ALA A 2 -45.56 6.10 -11.50
N ASP A 3 -44.75 5.13 -11.91
CA ASP A 3 -44.65 3.82 -11.18
C ASP A 3 -44.21 4.01 -9.74
N VAL A 4 -44.50 3.01 -8.92
CA VAL A 4 -44.16 3.02 -7.51
C VAL A 4 -42.71 2.50 -7.40
N ALA A 5 -41.92 3.12 -6.51
CA ALA A 5 -40.49 2.69 -6.26
C ALA A 5 -40.33 1.22 -5.99
N GLY A 6 -39.33 0.59 -6.61
CA GLY A 6 -38.92 -0.78 -6.20
C GLY A 6 -39.91 -1.84 -6.65
N THR A 7 -40.68 -1.54 -7.74
CA THR A 7 -41.72 -2.50 -8.20
C THR A 7 -41.73 -2.73 -9.70
N SER A 8 -40.88 -1.97 -10.42
CA SER A 8 -40.87 -2.08 -11.90
C SER A 8 -39.54 -1.73 -12.51
N ASN A 9 -39.43 -1.95 -13.84
CA ASN A 9 -38.26 -1.59 -14.61
C ASN A 9 -38.18 -0.10 -14.92
N ARG A 10 -39.09 0.69 -14.35
CA ARG A 10 -39.10 2.12 -14.52
C ARG A 10 -38.70 2.87 -13.27
N ASP A 11 -38.01 2.16 -12.37
CA ASP A 11 -37.37 2.86 -11.27
C ASP A 11 -36.02 3.39 -11.82
N PHE A 12 -36.11 4.56 -12.48
CA PHE A 12 -34.88 5.13 -13.06
C PHE A 12 -33.88 5.62 -12.02
N ARG A 13 -34.37 6.11 -10.90
CA ARG A 13 -33.48 6.45 -9.74
C ARG A 13 -32.65 5.21 -9.28
N GLY A 14 -33.29 4.03 -9.26
CA GLY A 14 -32.59 2.76 -8.91
C GLY A 14 -31.56 2.41 -9.99
N ARG A 15 -31.96 2.54 -11.24
CA ARG A 15 -31.08 2.12 -12.34
C ARG A 15 -29.87 3.02 -12.37
N GLU A 16 -30.12 4.32 -12.20
CA GLU A 16 -29.02 5.31 -12.22
C GLU A 16 -28.08 5.11 -11.03
N GLN A 17 -28.62 4.79 -9.85
CA GLN A 17 -27.74 4.53 -8.73
C GLN A 17 -26.81 3.35 -9.06
N ARG A 18 -27.38 2.29 -9.63
CA ARG A 18 -26.59 1.07 -9.91
C ARG A 18 -25.57 1.41 -11.01
N LEU A 19 -25.98 2.19 -12.02
CA LEU A 19 -24.97 2.61 -13.06
C LEU A 19 -23.86 3.48 -12.53
N PHE A 20 -24.18 4.38 -11.61
CA PHE A 20 -23.18 5.30 -11.00
C PHE A 20 -22.09 4.44 -10.33
N ASN A 21 -22.49 3.47 -9.54
CA ASN A 21 -21.53 2.63 -8.86
C ASN A 21 -20.70 1.75 -9.83
N SER A 22 -21.39 1.17 -10.82
CA SER A 22 -20.73 0.36 -11.85
C SER A 22 -19.74 1.18 -12.63
N GLU A 23 -20.09 2.42 -12.93
CA GLU A 23 -19.18 3.33 -13.67
C GLU A 23 -17.90 3.63 -12.88
N GLN A 24 -18.01 3.79 -11.58
CA GLN A 24 -16.85 4.08 -10.72
C GLN A 24 -15.94 2.85 -10.74
N TYR A 25 -16.53 1.67 -10.57
CA TYR A 25 -15.69 0.44 -10.56
CA TYR A 25 -15.81 0.42 -10.59
C TYR A 25 -15.00 0.24 -11.90
N ASN A 26 -15.70 0.45 -13.00
CA ASN A 26 -15.16 0.27 -14.31
C ASN A 26 -14.25 1.38 -14.71
N TYR A 27 -14.54 2.62 -14.34
CA TYR A 27 -13.62 3.69 -14.69
C TYR A 27 -12.24 3.47 -14.09
N ASN A 28 -12.23 3.01 -12.84
CA ASN A 28 -10.96 2.80 -12.12
C ASN A 28 -10.13 1.78 -12.88
N ASN A 29 -10.80 0.76 -13.43
CA ASN A 29 -10.16 -0.28 -14.21
C ASN A 29 -9.79 0.09 -15.64
N SER A 30 -10.26 1.24 -16.15
CA SER A 30 -9.89 1.67 -17.51
C SER A 30 -8.45 2.19 -17.45
N LEU A 31 -7.81 2.39 -18.62
CA LEU A 31 -6.45 2.96 -18.60
C LEU A 31 -6.43 4.44 -18.27
N ASN A 32 -7.64 5.04 -18.19
CA ASN A 32 -7.75 6.42 -17.74
C ASN A 32 -7.74 6.49 -16.23
N GLY A 33 -7.84 5.32 -15.54
CA GLY A 33 -8.02 5.32 -14.10
C GLY A 33 -6.77 5.19 -13.26
N GLU A 34 -6.97 5.36 -11.98
CA GLU A 34 -5.88 5.27 -11.03
C GLU A 34 -5.43 3.85 -10.78
N VAL A 35 -4.15 3.69 -10.40
CA VAL A 35 -3.72 2.49 -9.68
C VAL A 35 -3.03 3.01 -8.41
N SER A 36 -3.22 2.32 -7.29
CA SER A 36 -2.78 2.83 -6.00
C SER A 36 -2.13 1.76 -5.21
N VAL A 37 -1.15 2.19 -4.42
CA VAL A 37 -0.46 1.30 -3.49
C VAL A 37 -0.36 1.98 -2.12
N TRP A 38 -0.41 1.15 -1.07
CA TRP A 38 -0.19 1.60 0.30
C TRP A 38 0.82 0.70 0.96
N VAL A 39 1.70 1.31 1.76
CA VAL A 39 2.59 0.53 2.66
C VAL A 39 2.23 1.00 4.04
N TYR A 40 1.85 0.05 4.90
CA TYR A 40 1.54 0.29 6.30
C TYR A 40 2.70 -0.29 7.09
N ALA A 41 3.33 0.52 7.98
CA ALA A 41 4.36 0.00 8.84
C ALA A 41 3.80 0.10 10.28
N TYR A 42 3.78 -1.02 10.97
CA TYR A 42 3.09 -1.14 12.28
C TYR A 42 4.15 -1.06 13.37
N TYR A 43 3.98 -0.14 14.33
CA TYR A 43 4.96 0.00 15.45
C TYR A 43 4.47 -0.58 16.76
N SER A 44 5.43 -0.92 17.65
CA SER A 44 5.04 -1.55 18.95
C SER A 44 4.12 -0.67 19.84
N ASP A 45 4.16 0.66 19.72
CA ASP A 45 3.21 1.48 20.48
C ASP A 45 1.81 1.50 19.90
N GLY A 46 1.57 0.63 18.88
CA GLY A 46 0.24 0.56 18.29
C GLY A 46 0.03 1.53 17.10
N SER A 47 0.95 2.47 16.91
CA SER A 47 0.80 3.43 15.86
C SER A 47 1.16 2.81 14.52
N VAL A 48 0.64 3.43 13.45
CA VAL A 48 0.85 2.93 12.09
C VAL A 48 1.26 4.09 11.19
N LEU A 49 2.38 3.91 10.46
CA LEU A 49 2.76 4.85 9.39
C LEU A 49 2.11 4.33 8.13
N VAL A 50 1.37 5.20 7.43
CA VAL A 50 0.95 4.88 6.06
C VAL A 50 1.68 5.77 5.09
N ILE A 51 2.14 5.14 4.01
CA ILE A 51 2.57 5.83 2.80
C ILE A 51 1.63 5.37 1.69
N ASN A 52 1.04 6.33 0.96
CA ASN A 52 0.23 5.97 -0.18
C ASN A 52 0.75 6.69 -1.43
N LYS A 53 0.69 6.01 -2.57
CA LYS A 53 0.93 6.71 -3.86
C LYS A 53 -0.20 6.31 -4.80
N ASN A 54 -0.67 7.30 -5.56
CA ASN A 54 -1.77 7.12 -6.51
C ASN A 54 -1.35 7.65 -7.87
N SER A 55 -1.36 6.81 -8.91
CA SER A 55 -0.93 7.31 -10.23
C SER A 55 -1.63 6.53 -11.34
N GLN A 56 -1.60 7.09 -12.55
CA GLN A 56 -2.08 6.38 -13.71
C GLN A 56 -0.97 5.37 -14.15
N TYR A 57 -1.41 4.28 -14.78
CA TYR A 57 -0.52 3.33 -15.51
C TYR A 57 0.30 2.37 -14.64
N LYS A 58 1.03 2.95 -13.68
CA LYS A 58 1.90 2.18 -12.77
C LYS A 58 2.14 3.01 -11.53
N VAL A 59 2.49 2.35 -10.44
CA VAL A 59 2.71 3.08 -9.21
C VAL A 59 3.65 2.27 -8.30
N GLY A 60 4.36 3.00 -7.47
CA GLY A 60 5.18 2.34 -6.44
C GLY A 60 5.65 3.26 -5.36
N ILE A 61 6.32 2.67 -4.37
CA ILE A 61 6.83 3.37 -3.21
C ILE A 61 8.20 2.77 -2.95
N SER A 62 9.14 3.61 -2.52
CA SER A 62 10.47 3.11 -2.17
C SER A 62 10.97 3.88 -0.97
N GLU A 63 11.29 3.18 0.10
CA GLU A 63 11.76 3.82 1.33
C GLU A 63 13.02 3.13 1.91
N THR A 64 13.82 3.95 2.57
CA THR A 64 15.03 3.48 3.29
C THR A 64 14.60 2.81 4.58
N PHE A 65 15.55 2.09 5.18
CA PHE A 65 15.36 1.57 6.55
C PHE A 65 15.02 2.69 7.54
N LYS A 66 15.77 3.79 7.45
CA LYS A 66 15.59 4.90 8.37
C LYS A 66 14.22 5.49 8.21
N ALA A 67 13.80 5.64 6.94
CA ALA A 67 12.53 6.36 6.62
C ALA A 67 11.30 5.62 7.13
N LEU A 68 11.44 4.29 7.27
CA LEU A 68 10.33 3.45 7.81
C LEU A 68 10.27 3.43 9.32
N LYS A 69 11.32 3.96 9.99
CA LYS A 69 11.27 3.92 11.49
C LYS A 69 10.22 4.95 11.97
N GLU A 70 9.62 4.66 13.12
CA GLU A 70 8.66 5.61 13.71
C GLU A 70 9.27 6.97 13.95
N TYR A 71 8.53 8.02 13.52
CA TYR A 71 8.86 9.44 13.78
C TYR A 71 7.60 10.11 14.36
N ARG A 72 7.70 10.66 15.57
CA ARG A 72 6.57 11.29 16.29
C ARG A 72 6.71 12.77 16.11
N GLU A 73 5.89 13.37 15.26
CA GLU A 73 6.02 14.81 14.97
C GLU A 73 5.72 15.62 16.22
N GLY A 74 6.60 16.59 16.49
CA GLY A 74 6.46 17.47 17.65
C GLY A 74 6.69 16.83 19.02
N GLN A 75 7.22 15.59 19.07
CA GLN A 75 7.59 14.97 20.34
C GLN A 75 9.05 14.59 20.36
N HIS A 76 9.56 14.19 21.52
CA HIS A 76 10.90 13.56 21.58
C HIS A 76 10.98 12.23 20.82
N ASN A 77 12.10 12.01 20.12
CA ASN A 77 12.34 10.79 19.31
C ASN A 77 13.68 10.07 19.59
N ASP A 78 14.33 10.42 20.72
CA ASP A 78 15.65 9.85 21.08
C ASP A 78 16.59 10.07 19.85
N SER A 79 16.50 11.23 19.17
CA SER A 79 17.13 11.36 17.86
C SER A 79 18.63 10.99 17.82
N TYR A 80 19.41 11.40 18.84
CA TYR A 80 20.84 11.06 18.82
C TYR A 80 21.01 9.56 19.04
N ASP A 81 20.34 9.01 20.05
CA ASP A 81 20.51 7.54 20.29
C ASP A 81 20.08 6.75 19.04
N GLU A 82 19.06 7.27 18.34
CA GLU A 82 18.56 6.59 17.16
C GLU A 82 19.49 6.65 15.94
N TYR A 83 20.32 7.71 15.82
CA TYR A 83 21.44 7.69 14.87
C TYR A 83 22.36 6.50 15.22
N GLU A 84 22.67 6.33 16.51
CA GLU A 84 23.61 5.27 16.93
C GLU A 84 22.97 3.90 16.70
N VAL A 85 21.66 3.80 16.95
CA VAL A 85 20.93 2.55 16.66
C VAL A 85 21.15 2.22 15.16
N ASN A 86 20.93 3.20 14.26
CA ASN A 86 21.12 2.93 12.80
C ASN A 86 22.54 2.45 12.50
N GLN A 87 23.55 3.03 13.14
CA GLN A 87 24.90 2.54 12.87
C GLN A 87 25.10 1.08 13.27
N SER A 88 24.52 0.67 14.39
CA SER A 88 24.55 -0.76 14.78
C SER A 88 23.74 -1.67 13.92
N ILE A 89 22.68 -1.15 13.29
CA ILE A 89 21.86 -2.00 12.38
C ILE A 89 22.59 -2.18 11.01
N TYR A 90 23.27 -1.12 10.57
CA TYR A 90 23.97 -1.14 9.28
C TYR A 90 25.17 -2.10 9.31
N TYR A 91 25.76 -2.20 10.50
CA TYR A 91 26.94 -3.07 10.68
C TYR A 91 26.99 -3.51 12.13
N PRO A 92 27.06 -4.84 12.36
CA PRO A 92 27.07 -5.35 13.77
C PRO A 92 28.09 -4.63 14.64
N ASN A 93 27.65 -4.19 15.83
CA ASN A 93 28.53 -3.46 16.76
C ASN A 93 29.09 -2.19 16.14
N GLY A 94 28.41 -1.62 15.14
CA GLY A 94 28.88 -0.36 14.52
C GLY A 94 28.49 0.91 15.24
N GLY A 95 27.61 0.79 16.22
CA GLY A 95 27.07 1.94 16.94
C GLY A 95 27.34 1.88 18.44
N ASP A 96 26.92 2.93 19.11
CA ASP A 96 27.14 3.12 20.54
C ASP A 96 25.78 3.50 21.15
N ALA A 97 24.74 2.70 20.91
CA ALA A 97 23.38 3.08 21.42
C ALA A 97 23.07 2.59 22.85
N ARG A 98 22.07 3.21 23.47
CA ARG A 98 21.70 2.88 24.88
C ARG A 98 20.49 1.96 24.98
N LYS A 99 20.22 1.22 23.89
CA LYS A 99 19.10 0.24 23.85
C LYS A 99 19.43 -0.93 22.92
N PHE A 100 18.90 -2.09 23.30
CA PHE A 100 19.08 -3.34 22.51
C PHE A 100 18.14 -3.37 21.28
N HIS A 101 16.89 -2.92 21.45
CA HIS A 101 15.93 -2.94 20.39
C HIS A 101 15.27 -1.56 20.34
N SER A 102 15.32 -0.90 19.19
CA SER A 102 14.58 0.33 19.03
C SER A 102 13.10 0.05 18.79
N ASN A 103 12.24 0.62 19.66
CA ASN A 103 10.83 0.52 19.45
C ASN A 103 10.34 1.36 18.25
N ALA A 104 11.24 2.08 17.57
CA ALA A 104 10.82 2.77 16.35
C ALA A 104 10.89 1.78 15.16
N LYS A 105 11.46 0.60 15.32
CA LYS A 105 11.52 -0.38 14.19
C LYS A 105 10.09 -0.88 13.91
N PRO A 106 9.70 -0.97 12.63
CA PRO A 106 8.46 -1.64 12.33
C PRO A 106 8.38 -3.08 12.84
N ARG A 107 7.21 -3.43 13.40
CA ARG A 107 6.94 -4.83 13.78
C ARG A 107 6.35 -5.63 12.64
N ALA A 108 5.84 -4.95 11.60
CA ALA A 108 5.19 -5.64 10.47
C ALA A 108 4.98 -4.64 9.35
N ILE A 109 4.72 -5.19 8.16
CA ILE A 109 4.41 -4.37 6.98
C ILE A 109 3.19 -4.99 6.33
N GLN A 110 2.23 -4.16 5.95
CA GLN A 110 1.17 -4.59 5.01
C GLN A 110 1.25 -3.76 3.73
N ILE A 111 1.27 -4.44 2.59
CA ILE A 111 1.25 -3.79 1.25
C ILE A 111 -0.11 -4.03 0.73
N ILE A 112 -0.82 -2.96 0.40
CA ILE A 112 -2.15 -3.09 -0.25
C ILE A 112 -2.12 -2.43 -1.63
N PHE A 113 -2.69 -3.08 -2.65
CA PHE A 113 -2.95 -2.46 -3.92
C PHE A 113 -4.43 -2.30 -4.15
N SER A 114 -4.80 -1.26 -4.89
CA SER A 114 -6.16 -1.11 -5.45
C SER A 114 -6.54 -2.30 -6.35
N PRO A 115 -7.85 -2.47 -6.59
CA PRO A 115 -8.30 -3.61 -7.37
C PRO A 115 -8.02 -3.41 -8.85
N SER A 116 -7.55 -2.19 -9.22
CA SER A 116 -7.13 -1.90 -10.63
C SER A 116 -5.72 -2.36 -10.99
N VAL A 117 -4.94 -2.83 -10.01
CA VAL A 117 -3.63 -3.39 -10.33
C VAL A 117 -3.82 -4.75 -11.04
N ASN A 118 -2.82 -5.13 -11.84
CA ASN A 118 -2.67 -6.51 -12.29
C ASN A 118 -1.68 -7.19 -11.33
N VAL A 119 -2.20 -8.15 -10.58
CA VAL A 119 -1.42 -8.80 -9.50
CA VAL A 119 -1.45 -8.83 -9.51
C VAL A 119 -0.17 -9.51 -10.01
N ARG A 120 -0.24 -9.99 -11.26
CA ARG A 120 0.96 -10.64 -11.87
C ARG A 120 2.11 -9.63 -12.16
N THR A 121 1.82 -8.30 -12.10
CA THR A 121 2.88 -7.31 -12.37
C THR A 121 3.55 -6.80 -11.06
N ILE A 122 3.01 -7.19 -9.92
CA ILE A 122 3.53 -6.67 -8.63
C ILE A 122 4.97 -7.18 -8.43
N LYS A 123 5.83 -6.29 -8.01
CA LYS A 123 7.20 -6.63 -7.75
C LYS A 123 7.53 -5.95 -6.42
N MET A 124 8.42 -6.60 -5.65
CA MET A 124 8.88 -6.07 -4.36
C MET A 124 10.40 -6.25 -4.22
N ALA A 125 11.07 -5.20 -3.79
CA ALA A 125 12.48 -5.24 -3.39
C ALA A 125 12.51 -5.06 -1.86
N LYS A 126 12.65 -6.16 -1.14
CA LYS A 126 12.74 -6.07 0.32
C LYS A 126 14.18 -6.24 0.58
N GLY A 127 14.85 -5.11 0.85
CA GLY A 127 16.29 -5.09 1.03
C GLY A 127 16.71 -5.23 2.49
N ASN A 128 18.00 -5.45 2.71
CA ASN A 128 18.52 -5.37 4.08
C ASN A 128 18.64 -3.86 4.50
N ALA A 129 19.20 -3.62 5.68
CA ALA A 129 19.15 -2.28 6.25
C ALA A 129 20.04 -1.30 5.48
N VAL A 130 20.91 -1.84 4.62
CA VAL A 130 21.77 -0.98 3.75
C VAL A 130 21.30 -1.01 2.31
N SER A 131 20.08 -1.49 2.09
CA SER A 131 19.38 -1.23 0.81
C SER A 131 19.91 -2.15 -0.31
N VAL A 132 20.29 -3.38 0.07
CA VAL A 132 20.69 -4.44 -0.90
C VAL A 132 19.61 -5.53 -0.89
N PRO A 133 19.08 -5.87 -2.10
CA PRO A 133 17.97 -6.82 -2.15
C PRO A 133 18.24 -8.19 -1.62
N ASP A 134 19.47 -8.72 -1.77
CA ASP A 134 19.70 -10.11 -1.51
C ASP A 134 21.18 -10.33 -1.14
N GLU A 135 21.55 -9.83 0.05
CA GLU A 135 22.86 -10.08 0.67
C GLU A 135 23.99 -9.22 0.09
N TYR A 136 24.26 -9.41 -1.20
CA TYR A 136 25.26 -8.61 -1.88
C TYR A 136 24.71 -8.18 -3.23
N LEU A 137 25.11 -6.99 -3.67
CA LEU A 137 24.58 -6.52 -4.95
C LEU A 137 24.85 -7.43 -6.12
N GLN A 138 26.07 -7.99 -6.12
CA GLN A 138 26.52 -8.83 -7.24
C GLN A 138 25.58 -10.00 -7.51
N ARG A 139 25.00 -10.59 -6.47
CA ARG A 139 24.10 -11.76 -6.64
C ARG A 139 22.59 -11.41 -6.53
N SER A 140 22.26 -10.13 -6.51
CA SER A 140 20.86 -9.68 -6.27
C SER A 140 20.08 -9.53 -7.58
N HIS A 141 18.98 -10.31 -7.71
CA HIS A 141 17.94 -9.84 -8.65
C HIS A 141 17.23 -8.64 -7.95
N PRO A 142 16.90 -7.57 -8.70
CA PRO A 142 16.48 -6.36 -8.01
C PRO A 142 15.04 -6.38 -7.50
N TRP A 143 14.33 -7.49 -7.62
CA TRP A 143 12.97 -7.59 -7.09
C TRP A 143 12.54 -9.08 -7.05
N GLU A 144 11.44 -9.33 -6.39
CA GLU A 144 10.76 -10.63 -6.41
C GLU A 144 9.30 -10.31 -6.85
N ALA A 145 8.76 -11.19 -7.68
CA ALA A 145 7.37 -11.03 -8.08
C ALA A 145 6.46 -11.80 -7.11
N THR A 146 5.78 -11.07 -6.24
CA THR A 146 5.17 -11.63 -5.05
C THR A 146 3.65 -11.72 -5.18
N GLY A 147 3.10 -11.50 -6.38
CA GLY A 147 1.65 -11.48 -6.56
C GLY A 147 0.90 -12.72 -6.05
N ILE A 148 1.54 -13.88 -6.15
CA ILE A 148 0.93 -15.13 -5.65
C ILE A 148 0.59 -15.10 -4.17
N LYS A 149 1.31 -14.29 -3.40
CA LYS A 149 1.09 -14.22 -1.97
C LYS A 149 0.00 -13.22 -1.64
N TYR A 150 -0.45 -12.39 -2.58
CA TYR A 150 -1.45 -11.37 -2.24
C TYR A 150 -2.80 -12.02 -2.04
N ARG A 151 -3.44 -11.67 -0.94
CA ARG A 151 -4.81 -12.18 -0.63
C ARG A 151 -5.82 -11.16 -1.16
N LYS A 152 -6.95 -11.66 -1.62
CA LYS A 152 -8.04 -10.77 -2.06
C LYS A 152 -8.77 -10.19 -0.88
N ILE A 153 -8.88 -8.86 -0.83
CA ILE A 153 -9.71 -8.22 0.22
C ILE A 153 -11.06 -8.21 -0.44
N LYS A 154 -12.09 -8.79 0.23
CA LYS A 154 -13.40 -8.88 -0.40
C LYS A 154 -14.48 -8.28 0.45
N ARG A 155 -15.44 -7.63 -0.21
CA ARG A 155 -16.67 -7.22 0.45
C ARG A 155 -17.79 -7.59 -0.45
N ASP A 156 -18.84 -8.17 0.15
CA ASP A 156 -20.01 -8.68 -0.62
C ASP A 156 -19.63 -9.50 -1.88
N GLY A 157 -18.58 -10.29 -1.82
CA GLY A 157 -18.15 -11.09 -2.96
C GLY A 157 -17.28 -10.38 -4.00
N GLU A 158 -17.03 -9.09 -3.83
CA GLU A 158 -16.24 -8.36 -4.84
C GLU A 158 -14.81 -8.14 -4.32
N ILE A 159 -13.82 -8.28 -5.18
CA ILE A 159 -12.44 -7.89 -4.82
C ILE A 159 -12.34 -6.37 -4.76
N VAL A 160 -12.06 -5.86 -3.56
CA VAL A 160 -11.92 -4.42 -3.32
C VAL A 160 -10.43 -4.07 -3.21
N GLY A 161 -9.54 -5.04 -3.18
CA GLY A 161 -8.10 -4.70 -3.10
C GLY A 161 -7.29 -5.96 -2.88
N TYR A 162 -5.96 -5.84 -2.87
CA TYR A 162 -5.06 -6.99 -2.64
C TYR A 162 -4.10 -6.70 -1.52
N SER A 163 -3.89 -7.65 -0.63
CA SER A 163 -3.00 -7.48 0.54
C SER A 163 -1.87 -8.52 0.58
N HIS A 164 -0.67 -8.06 0.90
CA HIS A 164 0.42 -8.92 1.29
C HIS A 164 0.91 -8.43 2.63
N TYR A 165 0.91 -9.32 3.61
CA TYR A 165 1.27 -8.91 4.96
C TYR A 165 2.44 -9.74 5.47
N PHE A 166 3.47 -9.10 6.01
CA PHE A 166 4.53 -9.91 6.65
C PHE A 166 5.01 -9.26 7.93
N GLU A 167 5.14 -10.12 8.95
CA GLU A 167 5.59 -9.64 10.23
C GLU A 167 7.09 -9.51 10.22
N LEU A 168 7.58 -8.63 11.09
CA LEU A 168 9.00 -8.44 11.31
C LEU A 168 9.27 -8.64 12.84
N PRO A 169 8.99 -9.83 13.34
CA PRO A 169 8.97 -9.99 14.79
C PRO A 169 10.32 -10.27 15.40
N HIS A 170 11.34 -10.49 14.54
CA HIS A 170 12.64 -10.92 15.05
C HIS A 170 13.62 -9.76 15.06
N GLU A 171 14.62 -9.88 15.92
CA GLU A 171 15.54 -8.77 16.07
C GLU A 171 16.27 -8.44 14.75
N TYR A 172 16.52 -9.51 13.98
CA TYR A 172 17.20 -9.39 12.67
C TYR A 172 16.34 -8.92 11.54
N ASN A 173 15.05 -8.70 11.78
CA ASN A 173 14.20 -8.23 10.70
C ASN A 173 14.36 -6.71 10.56
N SER A 174 15.36 -6.27 9.79
CA SER A 174 15.66 -4.86 9.60
C SER A 174 15.73 -4.70 8.09
N ILE A 175 14.73 -3.96 7.57
CA ILE A 175 14.54 -3.86 6.11
C ILE A 175 14.50 -2.43 5.52
N SER A 176 14.85 -2.38 4.22
CA SER A 176 14.52 -1.25 3.31
C SER A 176 13.48 -1.87 2.38
N LEU A 177 12.64 -1.05 1.72
CA LEU A 177 11.50 -1.63 1.01
C LEU A 177 11.08 -0.77 -0.19
N ALA A 178 10.88 -1.46 -1.30
CA ALA A 178 10.19 -0.86 -2.44
C ALA A 178 9.23 -1.82 -3.06
N VAL A 179 8.12 -1.27 -3.56
CA VAL A 179 7.10 -2.11 -4.17
CA VAL A 179 7.05 -2.07 -4.16
C VAL A 179 6.54 -1.35 -5.38
N SER A 180 6.02 -2.11 -6.35
CA SER A 180 5.58 -1.55 -7.63
C SER A 180 4.53 -2.44 -8.20
N GLY A 181 3.48 -1.84 -8.78
CA GLY A 181 2.53 -2.60 -9.61
C GLY A 181 2.09 -1.75 -10.80
N VAL A 182 1.57 -2.48 -11.77
CA VAL A 182 1.13 -1.91 -13.03
C VAL A 182 -0.37 -1.99 -13.08
N HIS A 183 -0.99 -0.91 -13.56
CA HIS A 183 -2.46 -0.93 -13.76
C HIS A 183 -2.85 -2.02 -14.76
N LYS A 184 -3.96 -2.69 -14.53
CA LYS A 184 -4.49 -3.59 -15.53
C LYS A 184 -4.46 -3.02 -16.92
N ASN A 185 -4.16 -3.90 -17.85
CA ASN A 185 -4.24 -3.53 -19.28
C ASN A 185 -4.48 -4.80 -20.05
N PRO A 186 -5.76 -5.18 -20.20
CA PRO A 186 -6.10 -6.42 -20.87
C PRO A 186 -6.06 -6.21 -22.40
N SER A 187 -5.81 -4.96 -22.87
CA SER A 187 -5.77 -4.66 -24.30
C SER A 187 -4.42 -4.95 -24.87
N SER A 188 -4.26 -4.81 -26.18
CA SER A 188 -2.94 -4.89 -26.81
C SER A 188 -2.39 -3.50 -27.16
N TYR A 189 -3.02 -2.47 -26.61
CA TYR A 189 -2.47 -1.13 -26.69
C TYR A 189 -1.42 -1.03 -25.56
N ASN A 190 -0.18 -0.85 -25.91
CA ASN A 190 0.84 -0.63 -24.92
C ASN A 190 0.94 0.88 -24.69
N GLY A 192 3.65 2.82 -25.85
CA GLY A 192 4.13 3.04 -27.23
C GLY A 192 4.01 4.51 -27.67
N HIS A 193 2.99 4.81 -28.49
CA HIS A 193 2.51 6.16 -28.72
C HIS A 193 2.36 6.87 -27.36
N ASN A 194 2.22 6.07 -26.30
CA ASN A 194 1.79 6.67 -25.03
C ASN A 194 3.01 6.91 -24.05
N VAL A 195 4.22 6.76 -24.55
CA VAL A 195 5.37 6.65 -23.62
C VAL A 195 5.67 7.93 -22.85
N MET A 196 5.57 9.08 -23.53
CA MET A 196 5.73 10.32 -22.80
C MET A 196 4.59 10.54 -21.82
N ASP A 197 3.39 10.02 -22.11
CA ASP A 197 2.35 10.09 -21.06
C ASP A 197 2.69 9.30 -19.81
N VAL A 198 3.35 8.15 -20.01
CA VAL A 198 3.74 7.41 -18.82
C VAL A 198 4.85 8.17 -18.07
N PHE A 199 5.78 8.81 -18.81
CA PHE A 199 6.77 9.67 -18.14
C PHE A 199 6.10 10.78 -17.36
N GLN A 200 5.09 11.44 -17.92
CA GLN A 200 4.36 12.47 -17.11
C GLN A 200 3.67 11.87 -15.90
N SER A 201 3.19 10.63 -16.01
CA SER A 201 2.54 10.02 -14.84
C SER A 201 3.50 9.89 -13.66
N CYS A 202 4.79 9.70 -13.92
CA CYS A 202 5.82 9.61 -12.84
C CYS A 202 5.84 10.94 -12.11
N ASP A 203 5.63 12.06 -12.82
CA ASP A 203 5.65 13.37 -12.17
C ASP A 203 4.31 13.64 -11.47
N LEU A 204 3.21 13.10 -12.02
CA LEU A 204 1.85 13.45 -11.59
C LEU A 204 1.34 12.63 -10.41
N ALA A 205 2.09 11.55 -10.13
CA ALA A 205 1.69 10.61 -9.05
C ALA A 205 1.58 11.45 -7.79
N LEU A 206 0.49 11.28 -7.04
CA LEU A 206 0.35 11.98 -5.75
C LEU A 206 0.72 11.08 -4.58
N ARG A 207 1.45 11.63 -3.62
CA ARG A 207 1.95 10.83 -2.52
C ARG A 207 1.26 11.32 -1.22
N PHE A 208 1.06 10.43 -0.24
CA PHE A 208 0.53 10.89 1.07
C PHE A 208 1.29 10.06 2.14
N CYS A 209 1.66 10.70 3.24
CA CYS A 209 2.15 9.94 4.39
CA CYS A 209 2.27 10.01 4.37
C CYS A 209 1.77 10.57 5.71
N ASN A 210 1.52 9.70 6.67
CA ASN A 210 1.03 10.15 7.97
C ASN A 210 1.15 9.02 8.95
N ARG A 211 1.32 9.35 10.23
CA ARG A 211 1.36 8.33 11.28
C ARG A 211 0.08 8.51 12.08
N TYR A 212 -0.70 7.44 12.14
CA TYR A 212 -1.95 7.35 12.94
C TYR A 212 -1.61 6.64 14.24
N TRP A 213 -2.37 6.92 15.29
CA TRP A 213 -2.02 6.46 16.61
C TRP A 213 -2.44 5.05 16.86
N ALA A 214 -3.36 4.50 16.08
CA ALA A 214 -3.87 3.15 16.34
C ALA A 214 -4.53 2.60 15.08
N GLU A 215 -4.59 1.25 14.96
CA GLU A 215 -5.34 0.70 13.83
C GLU A 215 -6.77 1.19 13.80
N LEU A 216 -7.42 1.29 14.96
CA LEU A 216 -8.81 1.85 15.02
C LEU A 216 -8.89 3.22 14.34
N GLU A 217 -7.91 4.07 14.63
CA GLU A 217 -7.96 5.44 14.08
C GLU A 217 -7.67 5.42 12.58
N LEU A 218 -6.79 4.53 12.17
CA LEU A 218 -6.50 4.35 10.77
C LEU A 218 -7.79 3.87 10.03
N VAL A 219 -8.49 2.89 10.59
CA VAL A 219 -9.76 2.45 10.01
C VAL A 219 -10.75 3.60 9.94
N ASN A 220 -10.92 4.31 11.07
CA ASN A 220 -11.99 5.28 11.11
C ASN A 220 -11.71 6.53 10.29
N HIS A 221 -10.46 7.02 10.30
CA HIS A 221 -10.16 8.35 9.76
C HIS A 221 -9.37 8.37 8.45
N TYR A 222 -8.87 7.19 8.06
CA TYR A 222 -8.07 7.11 6.83
C TYR A 222 -8.74 6.11 5.81
N ILE A 223 -8.90 4.85 6.21
CA ILE A 223 -9.48 3.84 5.31
C ILE A 223 -10.92 4.18 4.91
N SER A 224 -11.75 4.30 5.94
CA SER A 224 -13.19 4.37 5.67
C SER A 224 -13.64 5.63 5.01
N PRO A 225 -13.12 6.78 5.42
CA PRO A 225 -13.67 7.99 4.78
C PRO A 225 -13.30 8.06 3.31
N ASN A 226 -12.23 7.35 2.92
CA ASN A 226 -11.78 7.48 1.51
C ASN A 226 -12.17 6.30 0.67
N ALA A 227 -13.00 5.40 1.19
CA ALA A 227 -13.43 4.21 0.41
C ALA A 227 -12.24 3.36 -0.01
N TYR A 228 -11.25 3.26 0.88
CA TYR A 228 -10.07 2.43 0.67
C TYR A 228 -10.26 0.99 1.19
N PRO A 229 -9.57 0.03 0.57
CA PRO A 229 -9.63 -1.33 1.02
C PRO A 229 -8.65 -1.50 2.20
N TYR A 230 -8.94 -2.44 3.10
CA TYR A 230 -8.00 -2.68 4.24
C TYR A 230 -8.25 -4.02 4.82
N LEU A 231 -7.23 -4.57 5.49
CA LEU A 231 -7.49 -5.80 6.21
C LEU A 231 -6.88 -5.61 7.62
N ASP A 232 -7.67 -5.78 8.72
CA ASP A 232 -7.15 -5.46 10.03
C ASP A 232 -6.50 -6.65 10.70
N ILE A 233 -6.03 -6.48 11.94
CA ILE A 233 -5.25 -7.58 12.56
C ILE A 233 -6.12 -8.80 12.84
N ASN A 234 -7.41 -8.55 12.93
CA ASN A 234 -8.36 -9.65 13.13
C ASN A 234 -8.86 -10.29 11.85
N ASN A 235 -8.19 -9.99 10.73
CA ASN A 235 -8.56 -10.55 9.45
C ASN A 235 -9.92 -10.06 8.95
N HIS A 236 -10.33 -8.89 9.40
CA HIS A 236 -11.60 -8.31 8.92
C HIS A 236 -11.28 -7.40 7.70
N SER A 237 -12.14 -7.49 6.65
CA SER A 237 -11.96 -6.75 5.39
C SER A 237 -12.80 -5.49 5.45
N TYR A 238 -12.24 -4.42 4.89
CA TYR A 238 -12.91 -3.15 4.75
C TYR A 238 -12.80 -2.72 3.28
N GLY A 239 -13.86 -2.09 2.78
CA GLY A 239 -13.85 -1.50 1.47
C GLY A 239 -15.30 -1.39 1.05
N VAL A 240 -15.56 -0.90 -0.17
CA VAL A 240 -16.91 -0.69 -0.67
C VAL A 240 -17.06 -1.44 -2.02
N ALA A 241 -18.01 -2.39 -2.08
CA ALA A 241 -18.31 -3.11 -3.33
C ALA A 241 -19.16 -2.20 -4.23
N LEU A 242 -18.83 -2.15 -5.51
CA LEU A 242 -19.43 -1.17 -6.42
C LEU A 242 -20.02 -1.75 -7.71
N SER A 243 -19.50 -2.88 -8.19
CA SER A 243 -19.90 -3.40 -9.50
C SER A 243 -21.31 -3.92 -9.51
N ASN A 244 -22.19 -3.31 -10.32
CA ASN A 244 -23.60 -3.73 -10.39
C ASN A 244 -24.39 -3.64 -9.04
N ARG A 245 -23.98 -2.77 -8.13
CA ARG A 245 -24.56 -2.67 -6.77
C ARG A 245 -25.13 -1.30 -6.55
N GLN A 246 -26.22 -1.21 -5.78
CA GLN A 246 -26.72 0.07 -5.35
C GLN A 246 -26.04 0.48 -4.05
CL CL B . -9.29 2.62 -21.52
MG MG C . 18.27 15.84 21.87
MG MG D . -20.19 -10.02 3.82
PG ATP E . -17.87 -12.37 4.18
O1G ATP E . -16.76 -11.56 4.85
O2G ATP E . -19.28 -11.83 4.31
O3G ATP E . -17.80 -13.87 4.36
PB ATP E . -18.06 -10.93 1.68
O1B ATP E . -16.94 -10.80 0.61
O2B ATP E . -18.66 -9.80 2.52
O3B ATP E . -17.54 -12.17 2.62
PA ATP E . -20.77 -12.09 1.31
O1A ATP E . -20.59 -13.57 1.65
O2A ATP E . -21.23 -11.08 2.38
O3A ATP E . -19.23 -11.74 0.85
O5' ATP E . -21.58 -11.94 -0.10
C5' ATP E . -21.28 -12.80 -1.23
C4' ATP E . -22.46 -12.75 -2.21
O4' ATP E . -23.57 -13.46 -1.64
C3' ATP E . -22.99 -11.33 -2.50
O3' ATP E . -23.48 -11.28 -3.85
C2' ATP E . -24.15 -11.13 -1.53
O2' ATP E . -25.09 -10.13 -1.98
C1' ATP E . -24.70 -12.57 -1.36
N9 ATP E . -25.30 -13.00 -0.06
C8 ATP E . -25.18 -12.46 1.20
N7 ATP E . -25.88 -13.18 2.14
C5 ATP E . -26.46 -14.21 1.49
C6 ATP E . -27.34 -15.39 1.81
N6 ATP E . -27.77 -15.60 3.09
N1 ATP E . -27.71 -16.26 0.81
C2 ATP E . -27.31 -16.09 -0.48
N3 ATP E . -26.51 -15.05 -0.86
C4 ATP E . -26.08 -14.09 0.04
N1 CTP F . 23.13 10.43 24.10
C2 CTP F . 24.47 9.86 23.98
N3 CTP F . 24.67 8.60 23.49
C4 CTP F . 23.61 7.86 23.09
C5 CTP F . 22.31 8.39 23.18
C6 CTP F . 22.06 9.69 23.69
O2 CTP F . 25.51 10.44 24.35
N4 CTP F . 23.90 6.63 22.59
C1' CTP F . 22.96 11.83 24.60
C2' CTP F . 22.96 12.80 23.39
O2' CTP F . 24.21 13.47 23.22
C3' CTP F . 21.84 13.80 23.61
C4' CTP F . 21.18 13.39 24.93
O4' CTP F . 21.76 12.14 25.35
O3' CTP F . 22.34 15.15 23.62
C5' CTP F . 19.67 13.18 24.73
O5' CTP F . 19.50 12.05 23.86
PA CTP F . 18.68 12.05 22.44
O1A CTP F . 18.98 13.23 21.49
O2A CTP F . 18.92 10.63 21.92
O3A CTP F . 17.11 12.16 22.98
PB CTP F . 16.10 13.44 23.27
O1B CTP F . 16.86 14.79 23.33
O2B CTP F . 15.20 13.00 24.42
O3B CTP F . 15.03 13.38 22.05
PG CTP F . 15.04 14.27 20.67
O1G CTP F . 16.52 14.47 20.36
O2G CTP F . 14.24 15.53 21.01
O3G CTP F . 14.33 13.40 19.64
C1 EDO G . -9.20 2.13 -3.97
O1 EDO G . -8.68 0.78 -3.85
C2 EDO G . -9.88 2.28 -5.33
O2 EDO G . -8.93 2.04 -6.34
C1 EDO H . -10.26 -11.74 4.45
O1 EDO H . -11.10 -10.88 5.26
C2 EDO H . -10.30 -11.50 2.92
O2 EDO H . -11.46 -10.70 2.47
C1 EDO I . -4.16 -2.30 17.38
O1 EDO I . -3.60 -3.32 16.41
C2 EDO I . -3.20 -1.10 17.62
O2 EDO I . -2.90 -0.44 16.40
#